data_4D2R
#
_entry.id   4D2R
#
_cell.length_a   41.154
_cell.length_b   66.486
_cell.length_c   121.593
_cell.angle_alpha   90.00
_cell.angle_beta   90.00
_cell.angle_gamma   90.00
#
_symmetry.space_group_name_H-M   'P 21 21 21'
#
loop_
_entity.id
_entity.type
_entity.pdbx_description
1 polymer 'INSULIN-LIKE GROWTH FACTOR 1 RECEPTOR'
2 non-polymer 'CHLORIDE ION'
3 non-polymer N-{2-methoxy-4-[(1-methylpiperidin-4-yl)oxy]phenyl}-4-(1H-pyrrolo[2,3-c]pyridin-3-yl)pyrimidin-2-amine
4 water water
#
_entity_poly.entity_id   1
_entity_poly.type   'polypeptide(L)'
_entity_poly.pdbx_seq_one_letter_code
;DVYVPDEWEVAREKITMSRELGQGSFGMVYEGVAKGVVKDEPETRVAIKTVNEAASMRERIEFLNEASVMKEFNCHHVVR
LLGVVSQGQPTLVIMELMTRGDLKSYLRSLRPEMENNPVLAPPSLSKMIQMAGEIADGMAYLNANKFVHRDLAARNCMVA
EDFTVKIGDFGMTRDIYETDYYRKGGKGLLPVRWMSPESLKDGVFTTYSDVWSFGVVLWEIATLAEQPYQGLSNEQVLRF
VMEGGLLDKPDNCPDMLFELMRMCWQYNPKMRPSFLEIISSIKEEMEPGFREVSFYYSEENK
;
_entity_poly.pdbx_strand_id   A
#
loop_
_chem_comp.id
_chem_comp.type
_chem_comp.name
_chem_comp.formula
CL non-polymer 'CHLORIDE ION' 'Cl -1'
DYK non-polymer N-{2-methoxy-4-[(1-methylpiperidin-4-yl)oxy]phenyl}-4-(1H-pyrrolo[2,3-c]pyridin-3-yl)pyrimidin-2-amine 'C24 H26 N6 O2'
#
# COMPACT_ATOMS: atom_id res chain seq x y z
N ASP A 1 18.03 -21.93 -6.75
CA ASP A 1 17.54 -21.05 -5.69
C ASP A 1 17.03 -21.86 -4.49
N VAL A 2 17.36 -21.40 -3.27
CA VAL A 2 16.98 -22.01 -1.99
C VAL A 2 16.52 -20.92 -0.99
N TYR A 3 16.00 -21.31 0.20
CA TYR A 3 15.67 -20.37 1.26
C TYR A 3 16.50 -20.75 2.51
N VAL A 4 17.30 -19.79 3.03
CA VAL A 4 18.16 -20.00 4.21
C VAL A 4 17.43 -19.50 5.48
N PRO A 5 17.08 -20.39 6.44
CA PRO A 5 16.40 -19.90 7.66
C PRO A 5 17.28 -18.94 8.46
N ASP A 6 16.69 -17.88 9.05
CA ASP A 6 17.44 -16.86 9.78
C ASP A 6 16.81 -16.45 11.13
N GLU A 7 17.20 -15.27 11.67
CA GLU A 7 16.75 -14.69 12.95
C GLU A 7 15.23 -14.41 13.00
N TRP A 8 14.57 -14.41 11.80
CA TRP A 8 13.14 -14.20 11.63
C TRP A 8 12.35 -15.49 11.82
N GLU A 9 13.05 -16.65 11.89
CA GLU A 9 12.40 -17.94 12.09
C GLU A 9 11.67 -17.95 13.44
N VAL A 10 10.41 -18.41 13.45
CA VAL A 10 9.57 -18.46 14.65
C VAL A 10 9.08 -19.91 14.83
N ALA A 11 9.07 -20.40 16.09
CA ALA A 11 8.59 -21.74 16.40
C ALA A 11 7.08 -21.84 16.12
N ARG A 12 6.66 -22.85 15.33
CA ARG A 12 5.27 -23.10 14.96
C ARG A 12 4.31 -23.12 16.18
N GLU A 13 4.79 -23.64 17.32
CA GLU A 13 4.06 -23.75 18.59
C GLU A 13 3.57 -22.39 19.11
N LYS A 14 4.25 -21.30 18.72
CA LYS A 14 3.93 -19.91 19.08
C LYS A 14 2.82 -19.32 18.20
N ILE A 15 2.41 -20.06 17.13
CA ILE A 15 1.43 -19.59 16.14
C ILE A 15 0.07 -20.31 16.19
N THR A 16 -1.04 -19.55 16.06
CA THR A 16 -2.41 -20.06 16.00
C THR A 16 -3.18 -19.27 14.94
N MET A 17 -3.87 -19.96 14.02
CA MET A 17 -4.66 -19.30 12.97
C MET A 17 -6.15 -19.52 13.18
N SER A 18 -6.97 -18.48 12.97
CA SER A 18 -8.42 -18.54 13.15
C SER A 18 -9.23 -18.16 11.87
N ARG A 19 -9.60 -16.88 11.70
CA ARG A 19 -10.42 -16.38 10.61
C ARG A 19 -9.66 -16.36 9.28
N GLU A 20 -10.25 -16.91 8.21
CA GLU A 20 -9.62 -16.81 6.90
C GLU A 20 -9.96 -15.44 6.32
N LEU A 21 -8.91 -14.69 5.95
CA LEU A 21 -9.04 -13.33 5.45
C LEU A 21 -9.28 -13.24 3.96
N GLY A 22 -8.66 -14.12 3.20
CA GLY A 22 -8.79 -14.15 1.76
C GLY A 22 -7.52 -14.63 1.08
N GLN A 23 -7.65 -14.98 -0.22
CA GLN A 23 -6.56 -15.50 -1.03
C GLN A 23 -5.43 -14.49 -1.27
N GLY A 24 -4.21 -14.97 -1.05
CA GLY A 24 -2.98 -14.23 -1.31
C GLY A 24 -2.33 -14.79 -2.55
N SER A 25 -1.21 -14.19 -2.99
CA SER A 25 -0.47 -14.61 -4.18
C SER A 25 -0.07 -16.10 -4.24
N PHE A 26 0.28 -16.72 -3.08
CA PHE A 26 0.71 -18.13 -3.00
C PHE A 26 -0.22 -19.08 -2.22
N GLY A 27 -1.24 -18.51 -1.58
CA GLY A 27 -2.20 -19.30 -0.81
C GLY A 27 -3.07 -18.46 0.11
N MET A 28 -3.87 -19.13 0.94
CA MET A 28 -4.79 -18.47 1.86
C MET A 28 -4.09 -17.65 2.94
N VAL A 29 -4.62 -16.44 3.19
CA VAL A 29 -4.16 -15.55 4.25
C VAL A 29 -5.15 -15.66 5.40
N TYR A 30 -4.64 -15.92 6.59
CA TYR A 30 -5.46 -16.03 7.79
C TYR A 30 -5.11 -14.97 8.81
N GLU A 31 -6.04 -14.71 9.71
CA GLU A 31 -5.85 -13.90 10.91
C GLU A 31 -5.45 -14.92 12.00
N GLY A 32 -4.65 -14.48 12.95
CA GLY A 32 -4.21 -15.33 14.03
C GLY A 32 -3.55 -14.60 15.17
N VAL A 33 -2.88 -15.38 16.04
CA VAL A 33 -2.19 -14.89 17.23
C VAL A 33 -0.77 -15.46 17.24
N ALA A 34 0.21 -14.60 17.48
CA ALA A 34 1.61 -15.01 17.54
C ALA A 34 2.20 -14.62 18.89
N LYS A 35 2.87 -15.57 19.53
CA LYS A 35 3.52 -15.32 20.82
C LYS A 35 4.96 -14.86 20.59
N GLY A 36 5.37 -13.84 21.34
CA GLY A 36 6.73 -13.30 21.36
C GLY A 36 7.27 -12.75 20.05
N VAL A 37 6.43 -12.06 19.26
CA VAL A 37 6.87 -11.47 17.98
C VAL A 37 7.06 -9.95 18.08
N VAL A 38 6.37 -9.31 19.03
CA VAL A 38 6.47 -7.86 19.26
C VAL A 38 7.02 -7.68 20.69
N LYS A 39 8.03 -6.80 20.86
CA LYS A 39 8.65 -6.54 22.17
C LYS A 39 7.61 -5.99 23.16
N ASP A 40 7.63 -6.50 24.41
CA ASP A 40 6.73 -6.13 25.51
C ASP A 40 5.26 -6.55 25.29
N GLU A 41 5.04 -7.47 24.34
CA GLU A 41 3.73 -8.01 23.99
C GLU A 41 3.78 -9.53 24.09
N PRO A 42 3.20 -10.14 25.15
CA PRO A 42 3.23 -11.62 25.25
C PRO A 42 2.60 -12.29 24.01
N GLU A 43 1.51 -11.69 23.48
CA GLU A 43 0.76 -12.15 22.30
C GLU A 43 0.36 -10.97 21.42
N THR A 44 0.31 -11.19 20.10
CA THR A 44 -0.07 -10.17 19.12
C THR A 44 -0.98 -10.77 18.06
N ARG A 45 -2.08 -10.06 17.71
CA ARG A 45 -2.97 -10.43 16.61
C ARG A 45 -2.15 -10.18 15.35
N VAL A 46 -1.99 -11.20 14.51
CA VAL A 46 -1.17 -11.14 13.30
C VAL A 46 -1.94 -11.65 12.08
N ALA A 47 -1.43 -11.35 10.88
CA ALA A 47 -1.87 -11.88 9.60
C ALA A 47 -0.84 -12.99 9.28
N ILE A 48 -1.35 -14.14 8.82
CA ILE A 48 -0.52 -15.29 8.48
C ILE A 48 -0.73 -15.65 7.02
N LYS A 49 0.30 -15.45 6.22
CA LYS A 49 0.30 -15.81 4.82
C LYS A 49 0.75 -17.26 4.77
N THR A 50 0.02 -18.09 4.03
CA THR A 50 0.32 -19.53 3.92
C THR A 50 0.53 -19.91 2.46
N VAL A 51 1.08 -21.11 2.24
CA VAL A 51 1.25 -21.70 0.92
C VAL A 51 0.37 -22.94 0.88
N ASN A 52 -0.53 -23.01 -0.13
CA ASN A 52 -1.44 -24.14 -0.33
C ASN A 52 -0.71 -25.49 -0.22
N GLU A 53 -1.35 -26.45 0.45
CA GLU A 53 -0.85 -27.81 0.70
C GLU A 53 -0.23 -28.51 -0.52
N ALA A 54 -0.81 -28.27 -1.72
CA ALA A 54 -0.43 -28.88 -2.99
C ALA A 54 0.77 -28.25 -3.69
N ALA A 55 1.07 -26.97 -3.40
CA ALA A 55 2.18 -26.21 -4.01
C ALA A 55 3.53 -26.92 -3.99
N SER A 56 4.32 -26.71 -5.04
CA SER A 56 5.64 -27.30 -5.21
C SER A 56 6.67 -26.67 -4.27
N MET A 57 7.82 -27.33 -4.10
CA MET A 57 8.95 -26.83 -3.32
C MET A 57 9.54 -25.59 -3.98
N ARG A 58 9.57 -25.56 -5.34
CA ARG A 58 10.06 -24.40 -6.10
C ARG A 58 9.23 -23.15 -5.74
N GLU A 59 7.88 -23.31 -5.70
CA GLU A 59 6.93 -22.24 -5.35
C GLU A 59 7.05 -21.83 -3.88
N ARG A 60 7.13 -22.79 -2.94
CA ARG A 60 7.21 -22.37 -1.53
C ARG A 60 8.57 -21.70 -1.21
N ILE A 61 9.64 -21.99 -2.00
CA ILE A 61 10.94 -21.31 -1.88
C ILE A 61 10.79 -19.83 -2.37
N GLU A 62 10.13 -19.62 -3.53
CA GLU A 62 9.87 -18.30 -4.14
C GLU A 62 9.04 -17.45 -3.19
N PHE A 63 7.99 -18.03 -2.59
CA PHE A 63 7.14 -17.39 -1.58
C PHE A 63 7.98 -16.87 -0.39
N LEU A 64 8.91 -17.70 0.08
CA LEU A 64 9.77 -17.35 1.21
C LEU A 64 10.75 -16.24 0.86
N ASN A 65 11.48 -16.35 -0.27
CA ASN A 65 12.44 -15.31 -0.70
C ASN A 65 11.76 -13.99 -1.08
N GLU A 66 10.54 -14.04 -1.67
CA GLU A 66 9.77 -12.85 -2.07
C GLU A 66 9.29 -12.09 -0.82
N ALA A 67 8.69 -12.80 0.15
CA ALA A 67 8.22 -12.25 1.43
C ALA A 67 9.36 -11.63 2.24
N SER A 68 10.56 -12.24 2.15
CA SER A 68 11.78 -11.84 2.83
C SER A 68 12.28 -10.44 2.48
N VAL A 69 11.79 -9.83 1.35
CA VAL A 69 12.14 -8.45 0.96
C VAL A 69 11.73 -7.46 2.09
N MET A 70 10.58 -7.73 2.73
CA MET A 70 10.01 -6.94 3.83
C MET A 70 10.90 -6.89 5.08
N LYS A 71 11.85 -7.83 5.23
CA LYS A 71 12.72 -7.90 6.42
C LYS A 71 13.58 -6.67 6.68
N GLU A 72 13.96 -5.94 5.62
CA GLU A 72 14.82 -4.77 5.80
C GLU A 72 14.10 -3.50 6.26
N PHE A 73 12.76 -3.48 6.23
CA PHE A 73 12.02 -2.30 6.61
C PHE A 73 11.59 -2.29 8.07
N ASN A 74 11.67 -1.11 8.69
CA ASN A 74 11.21 -0.88 10.06
C ASN A 74 10.64 0.51 10.06
N CYS A 75 9.38 0.62 9.62
CA CYS A 75 8.73 1.91 9.51
C CYS A 75 7.31 1.75 9.98
N HIS A 76 6.84 2.70 10.79
CA HIS A 76 5.48 2.69 11.32
C HIS A 76 4.45 2.78 10.20
N HIS A 77 4.82 3.37 9.06
CA HIS A 77 3.89 3.52 7.92
C HIS A 77 4.15 2.53 6.79
N VAL A 78 4.82 1.43 7.11
CA VAL A 78 5.03 0.29 6.21
C VAL A 78 4.68 -0.98 7.00
N VAL A 79 3.75 -1.79 6.45
CA VAL A 79 3.31 -3.06 7.06
C VAL A 79 4.55 -3.92 7.36
N ARG A 80 4.68 -4.34 8.63
CA ARG A 80 5.82 -5.10 9.13
CA ARG A 80 5.83 -5.09 9.12
C ARG A 80 5.74 -6.59 8.95
N LEU A 81 6.89 -7.21 8.66
CA LEU A 81 6.99 -8.67 8.60
C LEU A 81 7.40 -8.96 10.05
N LEU A 82 6.80 -9.96 10.68
CA LEU A 82 7.04 -10.29 12.09
C LEU A 82 7.75 -11.64 12.33
N GLY A 83 7.66 -12.55 11.37
CA GLY A 83 8.30 -13.85 11.47
C GLY A 83 8.04 -14.74 10.27
N VAL A 84 8.77 -15.85 10.22
CA VAL A 84 8.61 -16.85 9.17
C VAL A 84 8.67 -18.23 9.79
N VAL A 85 7.81 -19.12 9.31
CA VAL A 85 7.81 -20.51 9.74
C VAL A 85 8.20 -21.25 8.46
N SER A 86 9.50 -21.45 8.27
CA SER A 86 10.03 -22.16 7.10
C SER A 86 10.29 -23.63 7.41
N GLN A 87 10.30 -23.99 8.72
CA GLN A 87 10.56 -25.36 9.16
C GLN A 87 9.27 -26.12 9.27
N GLY A 88 9.16 -27.18 8.47
CA GLY A 88 7.97 -28.00 8.38
C GLY A 88 6.87 -27.33 7.56
N GLN A 89 5.71 -27.98 7.49
CA GLN A 89 4.57 -27.47 6.72
C GLN A 89 3.28 -27.38 7.58
N PRO A 90 2.31 -26.49 7.26
CA PRO A 90 2.31 -25.47 6.19
C PRO A 90 3.38 -24.38 6.40
N THR A 91 3.88 -23.83 5.29
CA THR A 91 4.87 -22.77 5.28
C THR A 91 4.14 -21.48 5.64
N LEU A 92 4.62 -20.74 6.63
CA LEU A 92 3.97 -19.50 7.08
C LEU A 92 4.88 -18.28 7.03
N VAL A 93 4.28 -17.11 6.76
CA VAL A 93 4.93 -15.80 6.87
C VAL A 93 3.98 -15.04 7.77
N ILE A 94 4.52 -14.55 8.90
CA ILE A 94 3.80 -13.79 9.93
C ILE A 94 3.98 -12.30 9.65
N MET A 95 2.86 -11.61 9.44
CA MET A 95 2.84 -10.19 9.12
C MET A 95 2.03 -9.43 10.16
N GLU A 96 2.25 -8.11 10.21
CA GLU A 96 1.48 -7.19 11.04
C GLU A 96 0.03 -7.23 10.52
N LEU A 97 -0.95 -7.32 11.43
CA LEU A 97 -2.37 -7.36 11.09
C LEU A 97 -2.93 -5.98 10.82
N MET A 98 -3.67 -5.84 9.71
CA MET A 98 -4.28 -4.58 9.28
C MET A 98 -5.77 -4.89 9.15
N THR A 99 -6.50 -4.82 10.28
CA THR A 99 -7.90 -5.29 10.38
C THR A 99 -8.90 -4.64 9.42
N ARG A 100 -8.60 -3.45 8.89
CA ARG A 100 -9.54 -2.77 7.99
C ARG A 100 -9.19 -3.00 6.51
N GLY A 101 -8.24 -3.90 6.26
CA GLY A 101 -7.88 -4.35 4.92
C GLY A 101 -7.24 -3.31 4.04
N ASP A 102 -7.26 -3.53 2.72
CA ASP A 102 -6.67 -2.59 1.78
C ASP A 102 -7.47 -1.28 1.69
N LEU A 103 -6.77 -0.17 1.37
CA LEU A 103 -7.38 1.17 1.32
C LEU A 103 -8.45 1.30 0.25
N LYS A 104 -8.28 0.66 -0.95
CA LYS A 104 -9.32 0.72 -1.99
C LYS A 104 -10.65 0.13 -1.43
N SER A 105 -10.58 -1.05 -0.79
CA SER A 105 -11.77 -1.69 -0.21
C SER A 105 -12.33 -0.85 0.96
N TYR A 106 -11.44 -0.28 1.80
CA TYR A 106 -11.85 0.58 2.91
C TYR A 106 -12.58 1.83 2.38
N LEU A 107 -12.02 2.53 1.39
CA LEU A 107 -12.65 3.72 0.78
C LEU A 107 -13.98 3.35 0.16
N ARG A 108 -14.05 2.22 -0.58
CA ARG A 108 -15.32 1.80 -1.19
C ARG A 108 -16.40 1.49 -0.16
N SER A 109 -15.99 1.04 1.05
CA SER A 109 -16.90 0.70 2.14
C SER A 109 -17.55 1.95 2.75
N LEU A 110 -16.94 3.11 2.52
CA LEU A 110 -17.42 4.40 3.01
C LEU A 110 -18.47 5.05 2.10
N ARG A 111 -18.69 4.48 0.91
CA ARG A 111 -19.69 4.96 -0.06
C ARG A 111 -21.09 4.75 0.53
N PRO A 112 -22.03 5.71 0.38
CA PRO A 112 -23.36 5.49 0.97
C PRO A 112 -24.12 4.34 0.28
N GLU A 113 -24.73 3.46 1.07
CA GLU A 113 -25.51 2.32 0.57
C GLU A 113 -26.81 2.86 0.04
N MET A 114 -27.38 2.17 -0.96
CA MET A 114 -28.62 2.57 -1.57
C MET A 114 -29.79 2.05 -0.74
N GLU A 115 -29.97 2.68 0.42
CA GLU A 115 -31.06 2.44 1.39
C GLU A 115 -31.37 3.74 2.13
N ASN A 116 -32.47 3.77 2.88
CA ASN A 116 -32.91 4.98 3.57
C ASN A 116 -32.33 5.16 4.96
N ASN A 117 -31.21 4.50 5.23
CA ASN A 117 -30.58 4.51 6.54
C ASN A 117 -29.57 5.64 6.69
N PRO A 118 -29.38 6.15 7.93
CA PRO A 118 -28.36 7.17 8.16
C PRO A 118 -26.98 6.67 7.75
N VAL A 119 -26.12 7.60 7.37
CA VAL A 119 -24.79 7.28 6.89
C VAL A 119 -23.78 8.32 7.41
N LEU A 120 -22.56 7.88 7.66
CA LEU A 120 -21.44 8.75 8.04
C LEU A 120 -21.11 9.62 6.82
N ALA A 121 -20.90 10.92 7.04
CA ALA A 121 -20.55 11.90 6.00
C ALA A 121 -19.22 11.49 5.33
N PRO A 122 -18.94 11.89 4.07
CA PRO A 122 -17.64 11.53 3.46
C PRO A 122 -16.47 11.98 4.33
N PRO A 123 -15.27 11.33 4.25
CA PRO A 123 -14.14 11.72 5.12
C PRO A 123 -13.83 13.21 5.04
N SER A 124 -13.55 13.85 6.19
CA SER A 124 -13.21 15.28 6.26
C SER A 124 -11.85 15.52 5.61
N LEU A 125 -11.49 16.78 5.37
CA LEU A 125 -10.19 17.15 4.82
C LEU A 125 -9.07 16.63 5.76
N SER A 126 -9.18 16.93 7.06
CA SER A 126 -8.28 16.51 8.13
C SER A 126 -7.99 14.98 8.11
N LYS A 127 -9.04 14.14 7.97
CA LYS A 127 -8.91 12.67 7.86
C LYS A 127 -8.21 12.25 6.56
N MET A 128 -8.51 12.94 5.46
CA MET A 128 -7.88 12.67 4.16
C MET A 128 -6.39 13.06 4.17
N ILE A 129 -6.08 14.20 4.80
CA ILE A 129 -4.71 14.71 4.94
C ILE A 129 -3.89 13.75 5.80
N GLN A 130 -4.49 13.27 6.92
CA GLN A 130 -3.82 12.29 7.79
C GLN A 130 -3.38 11.06 6.96
N MET A 131 -4.27 10.53 6.10
CA MET A 131 -4.02 9.38 5.20
C MET A 131 -2.88 9.70 4.24
N ALA A 132 -2.92 10.89 3.62
CA ALA A 132 -1.92 11.38 2.67
C ALA A 132 -0.50 11.42 3.28
N GLY A 133 -0.37 12.00 4.47
CA GLY A 133 0.91 12.12 5.16
C GLY A 133 1.48 10.79 5.62
N GLU A 134 0.61 9.85 6.00
CA GLU A 134 1.02 8.52 6.43
C GLU A 134 1.56 7.75 5.20
N ILE A 135 0.81 7.82 4.10
CA ILE A 135 1.22 7.19 2.84
C ILE A 135 2.54 7.80 2.40
N ALA A 136 2.61 9.13 2.34
CA ALA A 136 3.84 9.87 1.93
C ALA A 136 5.02 9.58 2.83
N ASP A 137 4.77 9.34 4.15
CA ASP A 137 5.83 8.97 5.11
C ASP A 137 6.42 7.59 4.81
N GLY A 138 5.55 6.59 4.56
CA GLY A 138 5.97 5.24 4.18
C GLY A 138 6.75 5.25 2.89
N MET A 139 6.32 6.09 1.94
CA MET A 139 6.99 6.26 0.65
C MET A 139 8.36 6.97 0.78
N ALA A 140 8.43 8.02 1.65
CA ALA A 140 9.69 8.71 1.91
C ALA A 140 10.70 7.73 2.53
N TYR A 141 10.26 6.85 3.46
CA TYR A 141 11.10 5.83 4.06
C TYR A 141 11.61 4.83 2.98
N LEU A 142 10.71 4.35 2.12
CA LEU A 142 11.05 3.43 1.01
C LEU A 142 12.03 4.05 0.01
N ASN A 143 11.83 5.34 -0.36
CA ASN A 143 12.77 6.06 -1.23
C ASN A 143 14.12 6.20 -0.52
N ALA A 144 14.13 6.54 0.80
CA ALA A 144 15.37 6.68 1.58
C ALA A 144 16.16 5.36 1.61
N ASN A 145 15.45 4.23 1.48
CA ASN A 145 16.06 2.91 1.45
C ASN A 145 16.32 2.44 0.04
N LYS A 146 16.31 3.38 -0.92
CA LYS A 146 16.69 3.18 -2.33
C LYS A 146 15.71 2.35 -3.15
N PHE A 147 14.46 2.20 -2.66
CA PHE A 147 13.41 1.48 -3.38
C PHE A 147 12.54 2.39 -4.25
N VAL A 148 12.03 1.83 -5.33
CA VAL A 148 11.03 2.43 -6.20
C VAL A 148 9.85 1.46 -6.04
N HIS A 149 8.66 1.95 -5.66
CA HIS A 149 7.49 1.07 -5.42
C HIS A 149 6.93 0.46 -6.68
N ARG A 150 6.71 1.30 -7.71
CA ARG A 150 6.20 0.90 -9.03
C ARG A 150 4.71 0.54 -9.06
N ASP A 151 4.06 0.33 -7.90
CA ASP A 151 2.61 0.04 -7.89
C ASP A 151 1.90 0.74 -6.76
N LEU A 152 2.25 2.02 -6.54
CA LEU A 152 1.60 2.77 -5.49
C LEU A 152 0.16 3.05 -5.93
N ALA A 153 -0.81 2.58 -5.15
CA ALA A 153 -2.25 2.67 -5.42
C ALA A 153 -2.98 2.39 -4.12
N ALA A 154 -4.23 2.89 -3.96
CA ALA A 154 -5.00 2.60 -2.72
C ALA A 154 -5.08 1.09 -2.42
N ARG A 155 -5.23 0.24 -3.47
CA ARG A 155 -5.26 -1.24 -3.29
C ARG A 155 -3.93 -1.80 -2.70
N ASN A 156 -2.81 -1.04 -2.78
CA ASN A 156 -1.54 -1.51 -2.23
C ASN A 156 -1.18 -0.78 -0.92
N CYS A 157 -2.17 -0.11 -0.33
CA CYS A 157 -2.07 0.54 0.99
C CYS A 157 -3.04 -0.22 1.90
N MET A 158 -2.72 -0.35 3.18
CA MET A 158 -3.53 -1.09 4.14
C MET A 158 -4.01 -0.18 5.25
N VAL A 159 -5.15 -0.51 5.89
CA VAL A 159 -5.73 0.30 6.95
C VAL A 159 -5.73 -0.51 8.25
N ALA A 160 -5.14 0.06 9.33
CA ALA A 160 -5.04 -0.60 10.64
C ALA A 160 -6.35 -0.41 11.40
N GLU A 161 -6.51 -1.11 12.54
CA GLU A 161 -7.70 -1.00 13.42
C GLU A 161 -7.95 0.45 13.84
N ASP A 162 -6.87 1.19 14.18
CA ASP A 162 -6.95 2.60 14.62
C ASP A 162 -7.02 3.59 13.42
N PHE A 163 -7.23 3.08 12.19
CA PHE A 163 -7.39 3.79 10.92
C PHE A 163 -6.06 4.34 10.31
N THR A 164 -4.90 4.02 10.93
CA THR A 164 -3.58 4.38 10.39
C THR A 164 -3.43 3.72 9.01
N VAL A 165 -2.95 4.49 8.01
CA VAL A 165 -2.70 3.94 6.67
C VAL A 165 -1.23 3.64 6.54
N LYS A 166 -0.91 2.48 5.95
CA LYS A 166 0.48 2.03 5.76
C LYS A 166 0.63 1.47 4.36
N ILE A 167 1.86 1.50 3.81
CA ILE A 167 2.23 0.90 2.53
C ILE A 167 2.13 -0.59 2.76
N GLY A 168 1.34 -1.24 1.93
CA GLY A 168 1.04 -2.66 2.10
C GLY A 168 2.21 -3.57 1.83
N ASP A 169 2.08 -4.83 2.32
CA ASP A 169 3.00 -5.93 2.09
C ASP A 169 3.16 -6.03 0.56
N PHE A 170 4.39 -6.19 0.09
CA PHE A 170 4.60 -6.20 -1.36
C PHE A 170 3.99 -7.41 -2.05
N GLY A 171 3.49 -7.16 -3.27
CA GLY A 171 2.91 -8.15 -4.17
C GLY A 171 1.68 -8.89 -3.68
N MET A 172 0.85 -8.26 -2.85
CA MET A 172 -0.37 -8.89 -2.37
C MET A 172 -1.51 -8.55 -3.30
N THR A 173 -1.66 -9.39 -4.33
CA THR A 173 -2.67 -9.22 -5.35
C THR A 173 -4.07 -9.57 -4.87
N ARG A 174 -4.97 -8.58 -4.80
CA ARG A 174 -6.38 -8.84 -4.52
C ARG A 174 -7.01 -8.97 -5.92
N ASP A 175 -7.43 -10.20 -6.28
CA ASP A 175 -8.01 -10.58 -7.58
C ASP A 175 -9.18 -9.73 -8.04
N ILE A 176 -9.89 -9.10 -7.08
CA ILE A 176 -11.03 -8.20 -7.30
C ILE A 176 -10.61 -6.95 -8.09
N TYR A 177 -9.31 -6.61 -8.02
CA TYR A 177 -8.76 -5.41 -8.67
C TYR A 177 -7.93 -5.75 -9.90
N GLU A 178 -8.13 -6.96 -10.47
CA GLU A 178 -7.37 -7.37 -11.65
C GLU A 178 -7.52 -6.40 -12.84
N THR A 179 -8.67 -5.71 -12.96
CA THR A 179 -8.96 -4.74 -14.04
C THR A 179 -8.24 -3.42 -13.84
N ASP A 180 -7.53 -3.25 -12.69
CA ASP A 180 -6.69 -2.07 -12.44
C ASP A 180 -5.34 -2.24 -13.15
N TYR A 181 -5.17 -3.34 -13.91
CA TYR A 181 -3.94 -3.66 -14.67
C TYR A 181 -4.22 -3.90 -16.12
N TYR A 182 -3.21 -3.69 -16.95
CA TYR A 182 -3.34 -3.87 -18.40
C TYR A 182 -2.02 -4.35 -18.99
N ARG A 183 -2.10 -5.47 -19.70
CA ARG A 183 -0.98 -6.10 -20.44
C ARG A 183 -1.00 -5.52 -21.87
N LYS A 184 0.12 -4.92 -22.27
CA LYS A 184 0.40 -4.23 -23.55
C LYS A 184 1.40 -4.99 -24.42
N LYS A 187 5.88 -6.65 -22.69
CA LYS A 187 4.42 -6.66 -22.58
C LYS A 187 3.90 -7.29 -21.24
N GLY A 188 4.21 -6.64 -20.11
CA GLY A 188 3.77 -7.11 -18.80
C GLY A 188 2.47 -6.46 -18.32
N LEU A 189 1.88 -7.02 -17.26
CA LEU A 189 0.64 -6.55 -16.64
C LEU A 189 1.01 -5.30 -15.83
N LEU A 190 0.53 -4.12 -16.26
CA LEU A 190 0.89 -2.85 -15.61
C LEU A 190 -0.31 -1.99 -15.14
N PRO A 191 -0.17 -1.23 -14.04
CA PRO A 191 -1.32 -0.42 -13.56
C PRO A 191 -1.37 0.94 -14.27
N VAL A 192 -1.70 0.88 -15.55
CA VAL A 192 -1.68 2.01 -16.50
C VAL A 192 -2.41 3.27 -16.02
N ARG A 193 -3.52 3.13 -15.28
CA ARG A 193 -4.30 4.29 -14.76
C ARG A 193 -3.61 5.00 -13.60
N TRP A 194 -2.50 4.42 -13.09
CA TRP A 194 -1.72 4.99 -11.97
C TRP A 194 -0.32 5.42 -12.42
N MET A 195 0.02 5.18 -13.70
CA MET A 195 1.36 5.41 -14.22
C MET A 195 1.62 6.82 -14.75
N SER A 196 2.85 7.29 -14.56
CA SER A 196 3.28 8.60 -15.04
C SER A 196 3.37 8.60 -16.59
N PRO A 197 3.33 9.79 -17.25
CA PRO A 197 3.52 9.83 -18.72
C PRO A 197 4.87 9.25 -19.16
N GLU A 198 5.95 9.47 -18.37
CA GLU A 198 7.27 8.96 -18.76
C GLU A 198 7.36 7.41 -18.62
N SER A 199 6.63 6.83 -17.65
CA SER A 199 6.60 5.37 -17.46
C SER A 199 5.75 4.72 -18.55
N LEU A 200 4.66 5.40 -18.99
CA LEU A 200 3.82 4.94 -20.11
C LEU A 200 4.59 4.91 -21.45
N LYS A 201 5.60 5.79 -21.60
CA LYS A 201 6.45 5.85 -22.79
C LYS A 201 7.56 4.80 -22.82
N ASP A 202 8.39 4.69 -21.74
CA ASP A 202 9.56 3.78 -21.77
C ASP A 202 9.57 2.65 -20.76
N GLY A 203 8.54 2.53 -19.93
CA GLY A 203 8.45 1.46 -18.94
C GLY A 203 9.40 1.58 -17.76
N VAL A 204 10.03 2.76 -17.59
CA VAL A 204 10.96 3.01 -16.49
C VAL A 204 10.19 3.70 -15.33
N PHE A 205 10.44 3.27 -14.10
CA PHE A 205 9.79 3.83 -12.91
C PHE A 205 10.86 4.46 -12.01
N THR A 206 10.54 5.59 -11.39
CA THR A 206 11.46 6.25 -10.45
C THR A 206 10.66 6.67 -9.22
N THR A 207 11.31 7.30 -8.25
CA THR A 207 10.59 7.86 -7.11
C THR A 207 9.65 9.03 -7.58
N TYR A 208 9.98 9.69 -8.71
CA TYR A 208 9.18 10.78 -9.29
C TYR A 208 7.88 10.21 -9.85
N SER A 209 7.93 8.99 -10.43
CA SER A 209 6.72 8.34 -10.95
C SER A 209 5.93 7.74 -9.78
N ASP A 210 6.59 7.44 -8.62
CA ASP A 210 5.84 7.03 -7.43
C ASP A 210 5.04 8.25 -6.92
N VAL A 211 5.63 9.46 -7.02
CA VAL A 211 4.96 10.70 -6.62
C VAL A 211 3.72 10.91 -7.50
N TRP A 212 3.87 10.68 -8.82
CA TRP A 212 2.74 10.74 -9.73
C TRP A 212 1.61 9.82 -9.20
N SER A 213 1.94 8.54 -8.89
CA SER A 213 0.97 7.57 -8.38
C SER A 213 0.36 8.02 -7.09
N PHE A 214 1.17 8.62 -6.17
CA PHE A 214 0.67 9.20 -4.91
C PHE A 214 -0.49 10.20 -5.19
N GLY A 215 -0.33 11.01 -6.22
CA GLY A 215 -1.35 11.97 -6.67
C GLY A 215 -2.65 11.27 -7.03
N VAL A 216 -2.55 10.11 -7.72
CA VAL A 216 -3.69 9.28 -8.09
C VAL A 216 -4.30 8.67 -6.82
N VAL A 217 -3.45 8.31 -5.82
CA VAL A 217 -3.93 7.79 -4.51
C VAL A 217 -4.80 8.85 -3.81
N LEU A 218 -4.40 10.13 -3.84
CA LEU A 218 -5.19 11.24 -3.26
C LEU A 218 -6.51 11.37 -3.96
N TRP A 219 -6.50 11.23 -5.29
CA TRP A 219 -7.70 11.29 -6.12
C TRP A 219 -8.61 10.11 -5.72
N GLU A 220 -8.02 8.93 -5.43
CA GLU A 220 -8.81 7.76 -4.97
C GLU A 220 -9.44 8.04 -3.62
N ILE A 221 -8.71 8.69 -2.71
CA ILE A 221 -9.27 9.05 -1.40
C ILE A 221 -10.45 10.06 -1.58
N ALA A 222 -10.26 11.08 -2.42
CA ALA A 222 -11.29 12.10 -2.64
C ALA A 222 -12.52 11.58 -3.41
N THR A 223 -12.38 10.50 -4.21
CA THR A 223 -13.52 9.94 -4.97
C THR A 223 -14.10 8.67 -4.32
N LEU A 224 -13.50 8.23 -3.19
CA LEU A 224 -13.82 6.95 -2.56
C LEU A 224 -13.56 5.80 -3.56
N ALA A 225 -12.37 5.85 -4.19
CA ALA A 225 -11.83 4.84 -5.09
C ALA A 225 -12.70 4.54 -6.31
N GLU A 226 -12.99 5.59 -7.06
CA GLU A 226 -13.61 5.44 -8.39
C GLU A 226 -12.44 4.93 -9.26
N GLN A 227 -12.72 4.42 -10.46
CA GLN A 227 -11.62 4.00 -11.31
C GLN A 227 -11.05 5.26 -11.95
N PRO A 228 -9.74 5.54 -11.91
CA PRO A 228 -9.21 6.71 -12.63
C PRO A 228 -9.53 6.63 -14.12
N TYR A 229 -9.87 7.77 -14.72
CA TYR A 229 -10.21 7.89 -16.15
C TYR A 229 -11.37 6.91 -16.55
N GLN A 230 -12.43 6.80 -15.66
CA GLN A 230 -13.63 5.95 -15.77
C GLN A 230 -14.17 5.73 -17.18
N GLY A 231 -14.33 6.82 -17.94
CA GLY A 231 -14.94 6.70 -19.26
C GLY A 231 -14.03 6.30 -20.41
N LEU A 232 -12.75 6.08 -20.11
CA LEU A 232 -11.74 5.75 -21.11
C LEU A 232 -11.29 4.30 -21.06
N SER A 233 -10.98 3.73 -22.24
CA SER A 233 -10.46 2.39 -22.38
C SER A 233 -9.00 2.38 -21.91
N ASN A 234 -8.42 1.20 -21.67
CA ASN A 234 -7.02 1.09 -21.28
C ASN A 234 -6.11 1.73 -22.32
N GLU A 235 -6.38 1.49 -23.62
CA GLU A 235 -5.63 2.09 -24.74
C GLU A 235 -5.78 3.63 -24.78
N GLN A 236 -7.00 4.15 -24.54
CA GLN A 236 -7.28 5.60 -24.49
C GLN A 236 -6.56 6.30 -23.31
N VAL A 237 -6.46 5.62 -22.15
CA VAL A 237 -5.75 6.15 -20.97
C VAL A 237 -4.26 6.47 -21.36
N LEU A 238 -3.56 5.51 -22.01
CA LEU A 238 -2.16 5.62 -22.44
C LEU A 238 -1.96 6.88 -23.24
N ARG A 239 -2.80 7.08 -24.26
CA ARG A 239 -2.78 8.22 -25.17
C ARG A 239 -3.04 9.52 -24.41
N PHE A 240 -4.16 9.59 -23.65
CA PHE A 240 -4.56 10.76 -22.87
C PHE A 240 -3.47 11.25 -21.91
N VAL A 241 -2.89 10.34 -21.11
CA VAL A 241 -1.90 10.73 -20.10
C VAL A 241 -0.56 11.10 -20.76
N MET A 242 -0.11 10.35 -21.78
CA MET A 242 1.12 10.69 -22.50
C MET A 242 1.02 12.02 -23.24
N GLU A 243 -0.21 12.45 -23.60
CA GLU A 243 -0.48 13.72 -24.29
C GLU A 243 -0.71 14.93 -23.36
N GLY A 244 -0.54 14.72 -22.05
CA GLY A 244 -0.71 15.82 -21.09
C GLY A 244 -2.04 15.87 -20.37
N GLY A 245 -2.89 14.88 -20.62
CA GLY A 245 -4.21 14.78 -19.99
C GLY A 245 -4.13 14.51 -18.51
N LEU A 246 -5.08 15.10 -17.74
CA LEU A 246 -5.12 15.00 -16.27
C LEU A 246 -6.47 14.57 -15.73
N LEU A 247 -6.49 13.94 -14.56
CA LEU A 247 -7.73 13.59 -13.88
C LEU A 247 -8.41 14.90 -13.45
N ASP A 248 -9.75 14.96 -13.54
CA ASP A 248 -10.53 16.12 -13.12
C ASP A 248 -10.56 16.22 -11.60
N LYS A 249 -10.78 17.45 -11.09
CA LYS A 249 -10.93 17.72 -9.67
C LYS A 249 -12.21 17.03 -9.22
N PRO A 250 -12.15 16.10 -8.25
CA PRO A 250 -13.38 15.41 -7.81
C PRO A 250 -14.43 16.35 -7.26
N ASP A 251 -15.70 15.94 -7.37
CA ASP A 251 -16.83 16.66 -6.83
C ASP A 251 -16.60 16.82 -5.32
N ASN A 252 -16.73 18.07 -4.82
CA ASN A 252 -16.54 18.47 -3.43
C ASN A 252 -15.12 18.22 -2.87
N CYS A 253 -14.12 18.03 -3.73
CA CYS A 253 -12.75 17.87 -3.25
C CYS A 253 -12.27 19.20 -2.65
N PRO A 254 -11.75 19.24 -1.40
CA PRO A 254 -11.20 20.52 -0.89
C PRO A 254 -10.01 20.96 -1.76
N ASP A 255 -9.87 22.28 -1.94
CA ASP A 255 -8.84 22.92 -2.78
C ASP A 255 -7.43 22.42 -2.52
N MET A 256 -7.05 22.40 -1.25
CA MET A 256 -5.72 22.00 -0.83
C MET A 256 -5.32 20.59 -1.33
N LEU A 257 -6.27 19.62 -1.28
CA LEU A 257 -6.04 18.25 -1.70
C LEU A 257 -5.88 18.15 -3.20
N PHE A 258 -6.72 18.87 -3.99
CA PHE A 258 -6.55 18.88 -5.45
C PHE A 258 -5.21 19.58 -5.85
N GLU A 259 -4.85 20.70 -5.17
CA GLU A 259 -3.61 21.44 -5.38
C GLU A 259 -2.39 20.49 -5.17
N LEU A 260 -2.48 19.58 -4.17
CA LEU A 260 -1.44 18.60 -3.92
C LEU A 260 -1.38 17.59 -5.09
N MET A 261 -2.56 17.11 -5.57
CA MET A 261 -2.67 16.22 -6.75
C MET A 261 -1.99 16.85 -7.94
N ARG A 262 -2.25 18.17 -8.21
CA ARG A 262 -1.66 18.91 -9.35
C ARG A 262 -0.14 18.99 -9.30
N MET A 263 0.45 19.11 -8.10
CA MET A 263 1.91 19.15 -7.92
C MET A 263 2.51 17.80 -8.32
N CYS A 264 1.81 16.70 -7.97
CA CYS A 264 2.20 15.32 -8.26
C CYS A 264 2.07 14.99 -9.75
N TRP A 265 1.15 15.67 -10.45
CA TRP A 265 0.89 15.40 -11.87
C TRP A 265 1.50 16.39 -12.81
N GLN A 266 2.61 17.02 -12.38
CA GLN A 266 3.32 17.90 -13.28
C GLN A 266 4.00 16.99 -14.30
N TYR A 267 3.85 17.33 -15.59
CA TYR A 267 4.35 16.51 -16.71
C TYR A 267 5.83 16.18 -16.60
N ASN A 268 6.64 17.19 -16.26
CA ASN A 268 8.07 17.02 -16.10
C ASN A 268 8.31 16.42 -14.71
N PRO A 269 8.85 15.16 -14.64
CA PRO A 269 9.10 14.54 -13.34
C PRO A 269 9.95 15.35 -12.37
N LYS A 270 10.91 16.14 -12.89
CA LYS A 270 11.82 16.97 -12.09
C LYS A 270 11.13 18.14 -11.36
N MET A 271 9.92 18.52 -11.80
CA MET A 271 9.16 19.61 -11.19
C MET A 271 8.16 19.16 -10.10
N ARG A 272 7.96 17.88 -9.96
CA ARG A 272 7.08 17.30 -8.94
C ARG A 272 7.81 17.41 -7.59
N PRO A 273 7.09 17.53 -6.45
CA PRO A 273 7.79 17.53 -5.16
C PRO A 273 8.19 16.10 -4.78
N SER A 274 9.17 15.95 -3.89
CA SER A 274 9.56 14.64 -3.38
C SER A 274 8.57 14.27 -2.26
N PHE A 275 8.58 13.01 -1.79
CA PHE A 275 7.69 12.63 -0.68
C PHE A 275 7.96 13.45 0.58
N LEU A 276 9.22 13.83 0.85
CA LEU A 276 9.58 14.65 2.04
C LEU A 276 9.02 16.07 1.95
N GLU A 277 9.08 16.68 0.74
CA GLU A 277 8.54 18.01 0.46
C GLU A 277 7.02 17.99 0.62
N ILE A 278 6.37 16.89 0.19
CA ILE A 278 4.92 16.67 0.38
C ILE A 278 4.58 16.75 1.86
N ILE A 279 5.31 15.98 2.71
CA ILE A 279 5.10 15.92 4.17
C ILE A 279 5.28 17.28 4.81
N SER A 280 6.39 17.97 4.47
CA SER A 280 6.71 19.30 4.98
C SER A 280 5.53 20.25 4.79
N SER A 281 4.93 20.22 3.59
CA SER A 281 3.80 21.10 3.23
C SER A 281 2.52 20.81 4.05
N ILE A 282 2.34 19.60 4.60
CA ILE A 282 1.12 19.27 5.38
C ILE A 282 1.39 18.90 6.85
N LYS A 283 2.65 19.03 7.32
CA LYS A 283 3.01 18.58 8.68
C LYS A 283 2.17 19.26 9.79
N GLU A 284 1.78 20.52 9.58
CA GLU A 284 0.93 21.27 10.54
C GLU A 284 -0.47 20.66 10.62
N GLU A 285 -0.92 19.98 9.55
CA GLU A 285 -2.25 19.35 9.52
C GLU A 285 -2.29 17.94 10.12
N MET A 286 -1.11 17.36 10.42
CA MET A 286 -0.99 16.01 10.97
C MET A 286 -1.38 15.93 12.45
N GLU A 287 -1.86 14.75 12.90
CA GLU A 287 -2.22 14.47 14.29
C GLU A 287 -0.98 14.56 15.20
N PRO A 288 -1.15 14.92 16.50
CA PRO A 288 0.03 15.06 17.39
C PRO A 288 1.06 13.93 17.34
N GLY A 289 0.60 12.69 17.39
CA GLY A 289 1.43 11.49 17.37
C GLY A 289 2.39 11.32 16.21
N PHE A 290 2.13 11.99 15.06
CA PHE A 290 2.97 11.91 13.85
C PHE A 290 4.44 12.19 14.09
N ARG A 291 4.77 13.15 14.97
CA ARG A 291 6.15 13.49 15.30
C ARG A 291 6.91 12.33 15.96
N GLU A 292 6.20 11.47 16.72
CA GLU A 292 6.82 10.36 17.44
C GLU A 292 7.02 9.08 16.63
N VAL A 293 6.17 8.82 15.64
CA VAL A 293 6.22 7.55 14.89
C VAL A 293 6.70 7.67 13.45
N SER A 294 6.66 8.86 12.86
CA SER A 294 6.98 9.02 11.46
C SER A 294 8.47 8.94 11.17
N PHE A 295 8.80 8.47 9.95
CA PHE A 295 10.15 8.48 9.40
C PHE A 295 10.57 9.97 9.27
N TYR A 296 9.67 10.83 8.79
CA TYR A 296 9.90 12.26 8.54
C TYR A 296 10.53 12.97 9.72
N TYR A 297 9.98 12.78 10.92
CA TYR A 297 10.51 13.40 12.16
C TYR A 297 11.62 12.58 12.87
N SER A 298 11.94 11.36 12.40
CA SER A 298 12.97 10.51 13.04
C SER A 298 14.40 10.99 12.78
N GLU A 299 15.37 10.45 13.54
CA GLU A 299 16.78 10.78 13.34
C GLU A 299 17.31 10.18 12.03
N GLU A 300 16.62 9.12 11.52
CA GLU A 300 16.92 8.45 10.25
C GLU A 300 16.77 9.39 9.04
N ASN A 301 15.87 10.37 9.12
CA ASN A 301 15.66 11.31 8.04
C ASN A 301 16.78 12.37 8.06
N LYS A 302 17.87 12.09 7.30
CA LYS A 302 19.07 12.94 7.20
C LYS A 302 19.42 13.26 5.75
CL CL B . 11.45 11.55 -0.51
C DYK C . -15.35 -6.34 8.33
N DYK C . -14.42 -6.14 7.22
O DYK C . -11.46 -7.95 6.06
C1 DYK C . -13.07 -5.90 7.72
N1 DYK C . -6.07 -7.97 7.53
O1 DYK C . -8.02 -8.43 9.31
C2 DYK C . -12.10 -5.60 6.57
N2 DYK C . -3.76 -7.70 7.49
C3 DYK C . -12.11 -6.73 5.55
N3 DYK C . -4.95 -8.77 5.68
C4 DYK C . -13.52 -7.07 5.10
N4 DYK C . -3.27 -10.50 1.76
C5 DYK C . -14.42 -7.30 6.33
N5 DYK C . -6.89 -11.19 1.28
C6 DYK C . -10.09 -7.92 6.32
C7 DYK C . -9.10 -7.75 5.37
C8 DYK C . -7.77 -7.74 5.75
C9 DYK C . -7.42 -7.98 7.08
C10 DYK C . -8.45 -8.17 8.04
C11 DYK C . -9.78 -8.16 7.65
C12 DYK C . -9.01 -8.78 10.30
C13 DYK C . -4.89 -8.15 6.88
C14 DYK C . -2.62 -7.91 6.82
C15 DYK C . -2.56 -8.53 5.59
C16 DYK C . -3.78 -8.95 5.05
C17 DYK C . -3.84 -9.61 3.74
C18 DYK C . -2.80 -9.88 2.89
C19 DYK C . -4.63 -10.64 1.84
C20 DYK C . -5.05 -10.08 3.07
C21 DYK C . -6.40 -10.10 3.39
C22 DYK C . -7.27 -10.66 2.45
C23 DYK C . -5.58 -11.18 0.98
#